data_6HMI
#
_entry.id   6HMI
#
loop_
_entity.id
_entity.type
_entity.pdbx_description
1 polymer "RNA (5'-R(*AP*UP*AP*CP*(PSU)P*(PSU)P*AP*CP*CP*UP*G)-3')"
2 polymer "RNA (5'-R(*GP*GP*AP*GP*UP*AP*AP*GP*UP*CP*U)-3')"
#
loop_
_entity_poly.entity_id
_entity_poly.type
_entity_poly.pdbx_seq_one_letter_code
_entity_poly.pdbx_strand_id
1 'polyribonucleotide' AUAC(PSU)(PSU)ACCUG A
2 'polyribonucleotide' GGAGUAAGUCU B
#